data_3EQZ
#
_entry.id   3EQZ
#
_cell.length_a   55.573
_cell.length_b   55.573
_cell.length_c   173.313
_cell.angle_alpha   90.000
_cell.angle_beta   90.000
_cell.angle_gamma   120.000
#
_symmetry.space_group_name_H-M   'P 31 2 1'
#
loop_
_entity.id
_entity.type
_entity.pdbx_description
1 polymer 'Response regulator'
2 water water
#
_entity_poly.entity_id   1
_entity_poly.type   'polypeptide(L)'
_entity_poly.pdbx_seq_one_letter_code
;MSLNRVFIVDDDTLTCNLLKTIVEPIFGNVEAFQHPRAFLTLSLNKQDIIILDLMMPDMDGIEVIRHLAEHKSPASLILI
SGYDSGVLHSAETLALSCGLNVINTFTKPINTEVLTCFLTSLSNRQAEGHHHHHH
;
_entity_poly.pdbx_strand_id   A,B
#
# COMPACT_ATOMS: atom_id res chain seq x y z
N LEU A 3 -3.34 -5.51 -18.84
CA LEU A 3 -2.93 -5.84 -17.43
C LEU A 3 -1.48 -5.39 -17.18
N ASN A 4 -1.24 -4.60 -16.13
CA ASN A 4 0.09 -4.02 -15.89
C ASN A 4 0.62 -3.98 -14.45
N ARG A 5 -0.10 -4.54 -13.49
CA ARG A 5 0.35 -4.56 -12.11
C ARG A 5 -0.17 -5.83 -11.46
N VAL A 6 0.64 -6.40 -10.58
CA VAL A 6 0.30 -7.63 -9.88
C VAL A 6 0.39 -7.46 -8.38
N PHE A 7 -0.66 -7.84 -7.67
CA PHE A 7 -0.61 -7.88 -6.23
C PHE A 7 -0.63 -9.33 -5.77
N ILE A 8 0.19 -9.64 -4.77
CA ILE A 8 0.22 -10.99 -4.21
C ILE A 8 -0.30 -10.85 -2.79
N VAL A 9 -1.32 -11.60 -2.45
CA VAL A 9 -1.93 -11.52 -1.12
C VAL A 9 -1.91 -12.88 -0.41
N ASP A 10 -1.01 -13.04 0.56
CA ASP A 10 -0.74 -14.34 1.19
C ASP A 10 0.06 -14.09 2.45
N ASP A 11 -0.33 -14.65 3.58
CA ASP A 11 0.44 -14.43 4.80
C ASP A 11 1.67 -15.30 4.93
N ASP A 12 1.85 -16.20 3.98
CA ASP A 12 3.00 -17.08 3.97
C ASP A 12 4.18 -16.37 3.29
N THR A 13 5.20 -16.06 4.08
CA THR A 13 6.29 -15.25 3.54
C THR A 13 7.01 -15.96 2.40
N LEU A 14 7.27 -17.26 2.57
CA LEU A 14 7.99 -17.99 1.52
C LEU A 14 7.22 -18.09 0.20
N THR A 15 5.90 -18.21 0.24
CA THR A 15 5.06 -18.20 -0.96
C THR A 15 5.11 -16.84 -1.63
N CYS A 16 4.99 -15.78 -0.85
CA CYS A 16 5.04 -14.42 -1.40
C CYS A 16 6.35 -14.19 -2.15
N ASN A 17 7.45 -14.66 -1.58
CA ASN A 17 8.79 -14.52 -2.23
C ASN A 17 8.87 -15.29 -3.52
N LEU A 18 8.47 -16.55 -3.45
CA LEU A 18 8.43 -17.37 -4.64
C LEU A 18 7.59 -16.71 -5.76
N LEU A 19 6.37 -16.29 -5.45
CA LEU A 19 5.52 -15.65 -6.47
C LEU A 19 6.15 -14.37 -6.98
N LYS A 20 6.74 -13.55 -6.12
CA LYS A 20 7.42 -12.34 -6.60
C LYS A 20 8.49 -12.65 -7.64
N THR A 21 9.25 -13.69 -7.38
CA THR A 21 10.37 -14.06 -8.27
C THR A 21 9.86 -14.55 -9.62
N ILE A 22 8.79 -15.32 -9.64
CA ILE A 22 8.18 -15.73 -10.91
C ILE A 22 7.53 -14.52 -11.63
N VAL A 23 6.82 -13.69 -10.87
CA VAL A 23 6.06 -12.63 -11.51
C VAL A 23 6.94 -11.49 -12.08
N GLU A 24 7.99 -11.10 -11.34
CA GLU A 24 8.68 -9.83 -11.66
C GLU A 24 9.33 -9.80 -13.04
N PRO A 25 9.83 -10.94 -13.54
CA PRO A 25 10.39 -10.89 -14.90
C PRO A 25 9.35 -10.60 -15.98
N ILE A 26 8.08 -10.82 -15.64
CA ILE A 26 6.97 -10.71 -16.56
C ILE A 26 6.21 -9.39 -16.37
N PHE A 27 5.94 -9.04 -15.11
CA PHE A 27 5.28 -7.80 -14.77
C PHE A 27 6.16 -7.13 -13.75
N GLY A 28 6.87 -6.07 -14.14
CA GLY A 28 7.86 -5.46 -13.24
C GLY A 28 7.17 -4.81 -12.04
N ASN A 29 5.93 -4.39 -12.23
CA ASN A 29 5.27 -3.70 -11.12
C ASN A 29 4.49 -4.73 -10.26
N VAL A 30 5.16 -5.33 -9.29
CA VAL A 30 4.52 -6.34 -8.47
C VAL A 30 4.78 -6.02 -7.01
N GLU A 31 3.79 -6.27 -6.17
CA GLU A 31 3.85 -5.94 -4.76
C GLU A 31 3.18 -7.08 -4.00
N ALA A 32 3.79 -7.55 -2.93
CA ALA A 32 3.18 -8.56 -2.07
C ALA A 32 2.74 -7.98 -0.73
N PHE A 33 1.58 -8.44 -0.25
CA PHE A 33 1.07 -8.10 1.09
C PHE A 33 0.92 -9.36 1.92
N GLN A 34 1.44 -9.36 3.14
CA GLN A 34 1.12 -10.46 4.03
C GLN A 34 -0.02 -10.09 4.96
N HIS A 35 -0.43 -8.83 4.96
CA HIS A 35 -1.58 -8.43 5.77
C HIS A 35 -2.71 -7.98 4.87
N PRO A 36 -3.79 -8.79 4.77
CA PRO A 36 -4.85 -8.51 3.81
C PRO A 36 -5.50 -7.20 4.10
N ARG A 37 -5.59 -6.86 5.39
CA ARG A 37 -6.22 -5.63 5.82
C ARG A 37 -5.56 -4.44 5.14
N ALA A 38 -4.24 -4.52 4.92
CA ALA A 38 -3.54 -3.42 4.24
C ALA A 38 -3.93 -3.37 2.75
N PHE A 39 -3.94 -4.53 2.13
CA PHE A 39 -4.35 -4.62 0.73
C PHE A 39 -5.78 -4.08 0.53
N LEU A 40 -6.66 -4.29 1.48
CA LEU A 40 -8.06 -3.86 1.31
C LEU A 40 -8.24 -2.33 1.36
N THR A 41 -7.20 -1.60 1.75
CA THR A 41 -7.27 -0.13 1.66
C THR A 41 -7.00 0.42 0.24
N LEU A 42 -6.58 -0.42 -0.71
CA LEU A 42 -6.30 0.09 -2.05
C LEU A 42 -7.53 0.04 -2.91
N SER A 43 -7.64 0.97 -3.85
CA SER A 43 -8.68 0.90 -4.88
C SER A 43 -7.97 0.34 -6.08
N LEU A 44 -8.51 -0.74 -6.63
CA LEU A 44 -7.81 -1.41 -7.72
C LEU A 44 -8.51 -1.05 -9.00
N ASN A 45 -7.86 -1.26 -10.12
CA ASN A 45 -8.51 -1.02 -11.38
C ASN A 45 -8.34 -2.24 -12.29
N LYS A 46 -8.82 -2.08 -13.51
CA LYS A 46 -9.01 -3.17 -14.44
C LYS A 46 -7.70 -3.74 -14.90
N GLN A 47 -6.63 -2.97 -14.75
CA GLN A 47 -5.32 -3.45 -15.17
C GLN A 47 -4.55 -4.19 -14.08
N ASP A 48 -5.17 -4.37 -12.92
CA ASP A 48 -4.55 -5.11 -11.82
C ASP A 48 -4.91 -6.59 -11.87
N ILE A 49 -3.94 -7.41 -11.52
CA ILE A 49 -4.08 -8.82 -11.34
C ILE A 49 -3.82 -9.09 -9.87
N ILE A 50 -4.71 -9.82 -9.25
CA ILE A 50 -4.50 -10.17 -7.86
C ILE A 50 -4.27 -11.66 -7.75
N ILE A 51 -3.19 -12.04 -7.07
CA ILE A 51 -2.98 -13.42 -6.74
C ILE A 51 -3.24 -13.58 -5.28
N LEU A 52 -4.31 -14.31 -4.95
CA LEU A 52 -4.83 -14.32 -3.59
C LEU A 52 -4.89 -15.72 -3.01
N ASP A 53 -4.22 -15.95 -1.90
CA ASP A 53 -4.41 -17.22 -1.20
C ASP A 53 -5.68 -17.13 -0.36
N LEU A 54 -6.44 -18.22 -0.34
CA LEU A 54 -7.68 -18.21 0.44
C LEU A 54 -7.40 -18.14 1.94
N MET A 55 -6.22 -18.60 2.36
CA MET A 55 -5.78 -18.50 3.77
C MET A 55 -6.66 -19.33 4.71
N MET A 56 -7.01 -20.55 4.31
CA MET A 56 -7.83 -21.46 5.13
C MET A 56 -6.91 -22.09 6.22
N PRO A 57 -7.49 -22.42 7.40
CA PRO A 57 -8.93 -22.41 7.67
C PRO A 57 -9.43 -21.12 8.31
N ASP A 58 -8.54 -20.15 8.50
CA ASP A 58 -8.92 -18.82 9.00
C ASP A 58 -9.82 -18.00 8.08
N MET A 59 -9.83 -18.25 6.80
CA MET A 59 -10.78 -17.46 5.96
C MET A 59 -10.55 -15.91 5.78
N ASP A 60 -9.32 -15.45 5.96
CA ASP A 60 -8.97 -14.09 5.57
C ASP A 60 -9.13 -13.91 4.05
N GLY A 61 -8.90 -14.97 3.29
CA GLY A 61 -9.07 -14.89 1.82
C GLY A 61 -10.54 -14.74 1.48
N ILE A 62 -11.40 -15.43 2.24
CA ILE A 62 -12.85 -15.30 1.98
C ILE A 62 -13.30 -13.82 2.22
N GLU A 63 -12.82 -13.21 3.31
CA GLU A 63 -13.08 -11.79 3.55
CA GLU A 63 -13.03 -11.77 3.59
C GLU A 63 -12.59 -10.92 2.39
N VAL A 64 -11.41 -11.19 1.86
CA VAL A 64 -10.90 -10.42 0.72
C VAL A 64 -11.84 -10.55 -0.49
N ILE A 65 -12.31 -11.76 -0.78
CA ILE A 65 -13.26 -11.93 -1.90
C ILE A 65 -14.60 -11.16 -1.61
N ARG A 66 -15.08 -11.19 -0.37
CA ARG A 66 -16.34 -10.48 -0.05
C ARG A 66 -16.12 -8.98 -0.26
N HIS A 67 -15.02 -8.45 0.31
CA HIS A 67 -14.65 -7.04 0.09
C HIS A 67 -14.61 -6.67 -1.38
N LEU A 68 -13.88 -7.41 -2.21
CA LEU A 68 -13.78 -7.11 -3.65
C LEU A 68 -15.14 -7.17 -4.38
N ALA A 69 -15.96 -8.15 -4.00
CA ALA A 69 -17.33 -8.20 -4.51
C ALA A 69 -18.17 -6.99 -4.08
N GLU A 70 -18.15 -6.64 -2.80
CA GLU A 70 -18.93 -5.48 -2.33
C GLU A 70 -18.58 -4.24 -3.12
N HIS A 71 -17.30 -4.06 -3.43
CA HIS A 71 -16.84 -2.85 -4.12
C HIS A 71 -16.76 -2.98 -5.63
N LYS A 72 -17.41 -4.02 -6.16
CA LYS A 72 -17.36 -4.31 -7.58
C LYS A 72 -15.97 -4.13 -8.24
N SER A 73 -14.90 -4.58 -7.58
CA SER A 73 -13.56 -4.56 -8.18
C SER A 73 -13.54 -5.11 -9.58
N PRO A 74 -12.93 -4.37 -10.52
CA PRO A 74 -12.70 -4.78 -11.91
C PRO A 74 -11.41 -5.61 -12.11
N ALA A 75 -10.63 -5.81 -11.05
CA ALA A 75 -9.30 -6.43 -11.17
C ALA A 75 -9.44 -7.92 -11.53
N SER A 76 -8.41 -8.50 -12.16
CA SER A 76 -8.42 -9.94 -12.49
C SER A 76 -7.89 -10.75 -11.32
N LEU A 77 -8.49 -11.90 -11.09
CA LEU A 77 -8.19 -12.58 -9.83
C LEU A 77 -7.76 -13.98 -10.09
N ILE A 78 -6.70 -14.39 -9.39
CA ILE A 78 -6.19 -15.74 -9.38
C ILE A 78 -6.22 -16.24 -7.95
N LEU A 79 -6.91 -17.35 -7.75
CA LEU A 79 -7.00 -17.90 -6.40
C LEU A 79 -6.05 -19.04 -6.22
N ILE A 80 -5.41 -19.09 -5.07
CA ILE A 80 -4.55 -20.24 -4.82
C ILE A 80 -4.85 -20.73 -3.41
N SER A 81 -4.51 -22.00 -3.17
CA SER A 81 -4.70 -22.62 -1.86
C SER A 81 -4.03 -24.01 -1.80
N GLY A 82 -3.39 -24.32 -0.67
CA GLY A 82 -2.91 -25.70 -0.45
C GLY A 82 -3.80 -26.49 0.52
N TYR A 83 -4.91 -25.88 0.94
CA TYR A 83 -5.73 -26.43 1.98
C TYR A 83 -6.66 -27.54 1.51
N ASP A 84 -7.37 -27.34 0.38
CA ASP A 84 -8.28 -28.37 -0.13
C ASP A 84 -8.83 -27.95 -1.45
N SER A 85 -8.70 -28.78 -2.47
CA SER A 85 -9.00 -28.30 -3.80
C SER A 85 -10.47 -28.24 -4.15
N GLY A 86 -11.29 -29.01 -3.42
CA GLY A 86 -12.74 -28.87 -3.60
C GLY A 86 -13.13 -27.48 -3.08
N VAL A 87 -12.53 -27.07 -1.97
CA VAL A 87 -12.72 -25.76 -1.36
C VAL A 87 -12.24 -24.63 -2.28
N LEU A 88 -11.08 -24.84 -2.90
CA LEU A 88 -10.54 -23.87 -3.86
C LEU A 88 -11.49 -23.67 -5.03
N HIS A 89 -11.96 -24.78 -5.59
CA HIS A 89 -12.92 -24.70 -6.72
C HIS A 89 -14.28 -24.08 -6.29
N SER A 90 -14.76 -24.40 -5.08
CA SER A 90 -15.95 -23.69 -4.56
C SER A 90 -15.76 -22.15 -4.49
N ALA A 91 -14.62 -21.69 -3.99
CA ALA A 91 -14.36 -20.23 -3.86
C ALA A 91 -14.34 -19.59 -5.24
N GLU A 92 -13.79 -20.28 -6.22
CA GLU A 92 -13.77 -19.76 -7.58
C GLU A 92 -15.20 -19.61 -8.08
N THR A 93 -15.99 -20.67 -7.87
CA THR A 93 -17.41 -20.68 -8.31
C THR A 93 -18.18 -19.53 -7.65
N LEU A 94 -18.00 -19.39 -6.33
CA LEU A 94 -18.71 -18.32 -5.60
C LEU A 94 -18.27 -16.95 -6.07
N ALA A 95 -16.97 -16.76 -6.26
CA ALA A 95 -16.45 -15.45 -6.65
C ALA A 95 -16.88 -15.07 -8.07
N LEU A 96 -16.94 -16.03 -8.97
CA LEU A 96 -17.42 -15.73 -10.32
C LEU A 96 -18.91 -15.35 -10.35
N SER A 97 -19.68 -16.05 -9.51
CA SER A 97 -21.12 -15.89 -9.49
C SER A 97 -21.47 -14.55 -8.85
N CYS A 98 -20.59 -14.04 -7.97
CA CYS A 98 -20.73 -12.68 -7.45
C CYS A 98 -20.16 -11.64 -8.40
N GLY A 99 -19.83 -12.06 -9.62
CA GLY A 99 -19.38 -11.13 -10.64
C GLY A 99 -17.89 -10.72 -10.67
N LEU A 100 -17.04 -11.34 -9.85
CA LEU A 100 -15.61 -11.06 -9.91
C LEU A 100 -14.97 -11.78 -11.09
N ASN A 101 -13.94 -11.18 -11.66
CA ASN A 101 -13.25 -11.77 -12.80
C ASN A 101 -12.12 -12.75 -12.40
N VAL A 102 -12.50 -13.94 -11.97
CA VAL A 102 -11.52 -14.95 -11.62
C VAL A 102 -11.04 -15.58 -12.94
N ILE A 103 -9.74 -15.45 -13.23
CA ILE A 103 -9.21 -15.95 -14.48
C ILE A 103 -8.48 -17.28 -14.28
N ASN A 104 -8.20 -17.68 -13.05
CA ASN A 104 -7.54 -18.99 -12.83
C ASN A 104 -7.42 -19.34 -11.35
N THR A 105 -7.07 -20.60 -11.09
CA THR A 105 -6.78 -21.05 -9.75
C THR A 105 -5.62 -21.99 -9.85
N PHE A 106 -4.83 -22.03 -8.77
CA PHE A 106 -3.75 -22.99 -8.60
C PHE A 106 -3.71 -23.61 -7.18
N THR A 107 -3.58 -24.91 -7.08
CA THR A 107 -3.30 -25.55 -5.80
C THR A 107 -1.80 -25.36 -5.39
N LYS A 108 -1.52 -25.35 -4.08
CA LYS A 108 -0.13 -25.38 -3.60
C LYS A 108 0.12 -26.87 -3.32
N PRO A 109 1.36 -27.37 -3.50
CA PRO A 109 2.52 -26.57 -3.96
C PRO A 109 2.33 -26.12 -5.44
N ILE A 110 2.64 -24.84 -5.68
CA ILE A 110 2.32 -24.19 -6.95
C ILE A 110 3.05 -24.87 -8.11
N ASN A 111 2.36 -25.05 -9.21
CA ASN A 111 3.02 -25.52 -10.42
C ASN A 111 3.61 -24.34 -11.19
N THR A 112 4.93 -24.17 -11.09
CA THR A 112 5.58 -22.91 -11.44
C THR A 112 5.67 -22.76 -12.93
N GLU A 113 5.85 -23.87 -13.63
CA GLU A 113 5.80 -23.84 -15.13
C GLU A 113 4.47 -23.39 -15.65
N VAL A 114 3.40 -23.96 -15.10
CA VAL A 114 2.01 -23.55 -15.52
C VAL A 114 1.74 -22.10 -15.15
N LEU A 115 2.11 -21.67 -13.95
CA LEU A 115 1.83 -20.29 -13.62
C LEU A 115 2.65 -19.37 -14.56
N THR A 116 3.91 -19.73 -14.81
CA THR A 116 4.77 -18.93 -15.71
C THR A 116 4.14 -18.79 -17.08
N CYS A 117 3.77 -19.89 -17.72
CA CYS A 117 3.09 -19.81 -19.03
C CYS A 117 1.85 -18.96 -19.01
N PHE A 118 1.10 -19.04 -17.93
CA PHE A 118 -0.19 -18.39 -17.88
C PHE A 118 0.05 -16.89 -17.74
N LEU A 119 0.97 -16.51 -16.86
CA LEU A 119 1.24 -15.07 -16.66
C LEU A 119 1.82 -14.42 -17.93
N THR A 120 2.73 -15.11 -18.58
CA THR A 120 3.26 -14.65 -19.86
C THR A 120 2.15 -14.31 -20.85
N SER A 121 1.13 -15.15 -20.93
CA SER A 121 0.09 -14.95 -21.91
C SER A 121 -0.80 -13.76 -21.60
N LEU A 122 -0.81 -13.32 -20.34
CA LEU A 122 -1.54 -12.12 -19.88
C LEU A 122 -0.76 -10.84 -20.14
N SER A 123 0.53 -10.98 -20.40
CA SER A 123 1.35 -9.83 -20.68
C SER A 123 1.29 -9.51 -22.19
N ASN A 124 1.82 -8.36 -22.52
CA ASN A 124 1.75 -7.81 -23.85
C ASN A 124 2.96 -8.08 -24.66
N ARG A 125 3.76 -9.07 -24.30
CA ARG A 125 4.82 -9.47 -25.20
C ARG A 125 4.17 -9.97 -26.49
N GLN A 126 4.94 -10.00 -27.58
CA GLN A 126 4.52 -10.68 -28.81
C GLN A 126 4.69 -12.19 -28.58
N SER B 2 -5.05 24.87 -0.36
CA SER B 2 -5.11 24.59 -1.82
C SER B 2 -5.73 23.21 -2.12
N LEU B 3 -5.72 22.86 -3.40
CA LEU B 3 -6.16 21.53 -3.84
C LEU B 3 -5.01 20.50 -4.06
N ASN B 4 -3.82 20.75 -3.50
CA ASN B 4 -2.81 19.69 -3.47
C ASN B 4 -3.34 18.45 -2.76
N ARG B 5 -2.91 17.28 -3.21
CA ARG B 5 -3.16 16.09 -2.43
C ARG B 5 -2.24 16.09 -1.19
N VAL B 6 -2.80 15.79 -0.03
CA VAL B 6 -2.00 15.59 1.19
C VAL B 6 -2.20 14.12 1.57
N PHE B 7 -1.12 13.41 1.84
CA PHE B 7 -1.19 12.01 2.28
C PHE B 7 -0.66 11.96 3.69
N ILE B 8 -1.49 11.49 4.60
CA ILE B 8 -1.10 11.30 5.98
C ILE B 8 -0.76 9.82 6.21
N VAL B 9 0.48 9.56 6.63
CA VAL B 9 0.95 8.19 6.83
C VAL B 9 1.33 7.99 8.33
N ASP B 10 0.50 7.20 9.03
CA ASP B 10 0.64 7.08 10.48
C ASP B 10 -0.21 5.92 10.83
N ASP B 11 0.38 4.90 11.45
CA ASP B 11 -0.43 3.71 11.78
C ASP B 11 -1.19 3.84 13.14
N ASP B 12 -1.04 4.98 13.80
CA ASP B 12 -1.76 5.19 15.04
C ASP B 12 -3.07 5.93 14.72
N THR B 13 -4.18 5.26 15.01
CA THR B 13 -5.47 5.74 14.58
C THR B 13 -5.81 7.09 15.19
N LEU B 14 -5.50 7.29 16.46
CA LEU B 14 -5.78 8.56 17.14
C LEU B 14 -4.97 9.76 16.60
N THR B 15 -3.65 9.60 16.46
CA THR B 15 -2.81 10.73 16.02
C THR B 15 -3.04 10.95 14.54
N CYS B 16 -3.33 9.86 13.83
CA CYS B 16 -3.74 9.97 12.45
C CYS B 16 -4.99 10.82 12.19
N ASN B 17 -6.04 10.52 12.97
CA ASN B 17 -7.30 11.24 12.90
C ASN B 17 -7.12 12.73 13.31
N LEU B 18 -6.28 12.96 14.32
CA LEU B 18 -5.99 14.33 14.71
C LEU B 18 -5.37 15.12 13.56
N LEU B 19 -4.34 14.55 12.91
CA LEU B 19 -3.73 15.21 11.74
C LEU B 19 -4.78 15.47 10.68
N LYS B 20 -5.55 14.44 10.39
CA LYS B 20 -6.60 14.60 9.38
C LYS B 20 -7.59 15.75 9.69
N THR B 21 -7.99 15.90 10.93
CA THR B 21 -8.90 16.98 11.25
C THR B 21 -8.24 18.37 11.14
N ILE B 22 -6.94 18.44 11.33
CA ILE B 22 -6.24 19.69 11.17
C ILE B 22 -6.02 20.04 9.70
N VAL B 23 -5.78 19.04 8.86
CA VAL B 23 -5.48 19.29 7.46
C VAL B 23 -6.74 19.56 6.62
N GLU B 24 -7.82 18.88 6.93
CA GLU B 24 -8.90 18.88 5.97
C GLU B 24 -9.53 20.27 5.74
N PRO B 25 -9.66 21.10 6.80
CA PRO B 25 -10.25 22.42 6.50
C PRO B 25 -9.36 23.24 5.59
N ILE B 26 -8.10 22.86 5.46
CA ILE B 26 -7.16 23.66 4.70
C ILE B 26 -6.90 23.03 3.33
N PHE B 27 -6.63 21.73 3.31
CA PHE B 27 -6.42 21.03 2.04
C PHE B 27 -7.48 19.95 1.97
N GLY B 28 -8.55 20.17 1.23
CA GLY B 28 -9.67 19.27 1.29
C GLY B 28 -9.37 17.89 0.77
N ASN B 29 -8.43 17.78 -0.18
CA ASN B 29 -8.05 16.50 -0.81
C ASN B 29 -7.03 15.73 0.02
N VAL B 30 -7.43 15.29 1.19
CA VAL B 30 -6.49 14.70 2.11
C VAL B 30 -6.91 13.26 2.31
N GLU B 31 -5.93 12.36 2.33
CA GLU B 31 -6.21 10.96 2.45
C GLU B 31 -5.24 10.37 3.50
N ALA B 32 -5.78 9.59 4.43
CA ALA B 32 -4.97 9.04 5.48
C ALA B 32 -4.75 7.55 5.28
N PHE B 33 -3.49 7.10 5.44
CA PHE B 33 -3.11 5.68 5.31
C PHE B 33 -2.60 5.15 6.64
N GLN B 34 -3.30 4.16 7.21
CA GLN B 34 -2.82 3.56 8.44
C GLN B 34 -1.81 2.43 8.13
N HIS B 35 -1.67 2.08 6.85
CA HIS B 35 -0.79 1.01 6.44
C HIS B 35 0.23 1.53 5.47
N PRO B 36 1.46 1.73 5.96
CA PRO B 36 2.53 2.31 5.16
C PRO B 36 2.74 1.59 3.85
N ARG B 37 2.68 0.27 3.88
CA ARG B 37 2.97 -0.43 2.62
C ARG B 37 1.95 -0.20 1.54
N ALA B 38 0.72 0.11 1.93
CA ALA B 38 -0.28 0.42 0.94
C ALA B 38 0.03 1.78 0.35
N PHE B 39 0.47 2.69 1.23
CA PHE B 39 0.84 4.01 0.75
C PHE B 39 1.96 3.91 -0.27
N LEU B 40 2.85 2.96 -0.06
CA LEU B 40 4.04 2.84 -0.93
C LEU B 40 3.76 2.34 -2.34
N THR B 41 2.52 1.97 -2.63
CA THR B 41 2.20 1.51 -3.98
C THR B 41 1.90 2.73 -4.84
N LEU B 42 1.66 3.87 -4.18
CA LEU B 42 1.27 5.10 -4.90
C LEU B 42 2.46 5.76 -5.56
N SER B 43 2.23 6.43 -6.68
CA SER B 43 3.32 7.22 -7.27
C SER B 43 2.96 8.71 -7.14
N LEU B 44 3.87 9.49 -6.58
CA LEU B 44 3.52 10.81 -6.15
C LEU B 44 4.03 11.89 -7.08
N ASN B 45 3.38 13.05 -7.02
CA ASN B 45 3.79 14.16 -7.86
C ASN B 45 4.52 15.25 -7.07
N LYS B 46 5.13 16.14 -7.81
CA LYS B 46 5.84 17.24 -7.26
C LYS B 46 4.95 18.05 -6.36
N GLN B 47 3.65 18.14 -6.66
CA GLN B 47 2.73 18.97 -5.87
C GLN B 47 2.09 18.26 -4.67
N ASP B 48 2.31 16.96 -4.56
CA ASP B 48 1.82 16.20 -3.40
C ASP B 48 2.61 16.57 -2.11
N ILE B 49 1.93 16.55 -0.98
CA ILE B 49 2.52 16.79 0.34
C ILE B 49 2.31 15.54 1.20
N ILE B 50 3.38 15.01 1.78
CA ILE B 50 3.29 13.78 2.56
C ILE B 50 3.58 14.15 4.00
N ILE B 51 2.68 13.81 4.91
CA ILE B 51 2.95 13.97 6.33
C ILE B 51 3.23 12.59 6.87
N LEU B 52 4.47 12.40 7.32
CA LEU B 52 4.94 11.07 7.67
C LEU B 52 5.27 10.97 9.16
N ASP B 53 4.54 10.12 9.90
CA ASP B 53 4.91 9.85 11.29
C ASP B 53 6.02 8.81 11.24
N LEU B 54 7.09 9.01 12.01
CA LEU B 54 8.22 8.09 11.97
C LEU B 54 7.86 6.75 12.57
N MET B 55 6.82 6.74 13.40
CA MET B 55 6.30 5.49 13.95
C MET B 55 7.34 4.79 14.82
N MET B 56 8.15 5.60 15.53
CA MET B 56 9.16 5.01 16.44
C MET B 56 8.32 4.31 17.53
N PRO B 57 8.79 3.14 18.05
CA PRO B 57 10.15 2.67 17.87
C PRO B 57 10.28 1.52 16.84
N ASP B 58 9.31 1.40 15.95
CA ASP B 58 9.41 0.51 14.77
C ASP B 58 10.18 1.21 13.65
N MET B 59 10.46 0.47 12.57
CA MET B 59 11.25 1.16 11.51
CA MET B 59 11.25 0.87 11.42
C MET B 59 10.39 1.44 10.28
N ASP B 60 9.08 1.39 10.41
CA ASP B 60 8.18 1.71 9.29
C ASP B 60 8.37 3.10 8.68
N GLY B 61 8.60 4.12 9.51
CA GLY B 61 8.86 5.46 8.95
C GLY B 61 10.16 5.50 8.15
N ILE B 62 11.20 4.91 8.69
CA ILE B 62 12.45 4.80 7.94
C ILE B 62 12.29 4.07 6.61
N GLU B 63 11.49 3.01 6.58
CA GLU B 63 11.24 2.31 5.30
C GLU B 63 10.52 3.18 4.25
N VAL B 64 9.59 4.01 4.70
CA VAL B 64 8.93 4.89 3.73
C VAL B 64 9.94 5.89 3.17
N ILE B 65 10.82 6.45 4.02
CA ILE B 65 11.87 7.35 3.58
C ILE B 65 12.80 6.69 2.58
N ARG B 66 13.31 5.50 2.94
CA ARG B 66 14.09 4.67 2.00
C ARG B 66 13.35 4.45 0.67
N HIS B 67 12.11 4.00 0.73
CA HIS B 67 11.37 3.78 -0.54
C HIS B 67 11.24 5.08 -1.35
N LEU B 68 10.82 6.15 -0.70
CA LEU B 68 10.67 7.44 -1.39
C LEU B 68 11.96 7.88 -2.04
N ALA B 69 13.07 7.72 -1.34
CA ALA B 69 14.37 8.16 -1.87
C ALA B 69 14.80 7.30 -3.07
N GLU B 70 14.62 5.99 -2.95
CA GLU B 70 15.01 5.10 -4.07
C GLU B 70 14.23 5.39 -5.36
N HIS B 71 12.94 5.65 -5.24
CA HIS B 71 12.16 6.11 -6.38
C HIS B 71 12.28 7.61 -6.64
N LYS B 72 13.18 8.30 -5.93
CA LYS B 72 13.36 9.72 -6.22
C LYS B 72 12.05 10.52 -6.19
N SER B 73 11.15 10.22 -5.27
CA SER B 73 9.95 11.00 -5.15
C SER B 73 10.21 12.51 -5.13
N PRO B 74 9.39 13.26 -5.87
CA PRO B 74 9.53 14.70 -5.93
C PRO B 74 8.61 15.39 -4.91
N ALA B 75 7.86 14.61 -4.12
CA ALA B 75 6.81 15.16 -3.28
C ALA B 75 7.41 15.94 -2.09
N SER B 76 6.68 16.89 -1.54
CA SER B 76 7.14 17.59 -0.31
C SER B 76 6.86 16.67 0.85
N LEU B 77 7.79 16.67 1.81
CA LEU B 77 7.70 15.79 2.94
C LEU B 77 7.73 16.52 4.29
N ILE B 78 6.79 16.16 5.16
CA ILE B 78 6.77 16.66 6.55
C ILE B 78 6.93 15.47 7.48
N LEU B 79 7.85 15.55 8.45
CA LEU B 79 8.10 14.44 9.32
C LEU B 79 7.63 14.73 10.71
N ILE B 80 7.03 13.75 11.34
CA ILE B 80 6.49 13.94 12.67
C ILE B 80 6.98 12.87 13.60
N SER B 81 7.36 13.28 14.83
CA SER B 81 7.86 12.35 15.86
C SER B 81 8.24 13.09 17.14
N GLY B 82 8.47 12.37 18.23
CA GLY B 82 9.23 12.96 19.39
C GLY B 82 10.60 13.61 19.06
N TYR B 83 10.92 14.75 19.69
CA TYR B 83 12.30 15.31 19.56
C TYR B 83 13.33 14.22 19.89
N ASP B 84 13.07 13.53 21.00
CA ASP B 84 13.78 12.31 21.35
C ASP B 84 15.27 12.38 21.18
N SER B 85 15.91 13.25 21.96
CA SER B 85 17.37 13.44 21.87
C SER B 85 17.95 13.21 20.45
N GLY B 86 17.31 13.87 19.46
CA GLY B 86 17.82 13.91 18.09
C GLY B 86 17.16 13.01 17.05
N VAL B 87 16.13 12.23 17.43
CA VAL B 87 15.53 11.25 16.50
C VAL B 87 14.88 11.94 15.28
N LEU B 88 14.14 13.02 15.52
CA LEU B 88 13.49 13.71 14.43
C LEU B 88 14.52 14.39 13.54
N HIS B 89 15.53 15.03 14.16
CA HIS B 89 16.61 15.65 13.40
C HIS B 89 17.41 14.62 12.58
N SER B 90 17.61 13.42 13.13
CA SER B 90 18.28 12.34 12.40
C SER B 90 17.55 11.91 11.10
N ALA B 91 16.24 11.73 11.21
CA ALA B 91 15.38 11.36 10.08
C ALA B 91 15.39 12.47 9.07
N GLU B 92 15.30 13.71 9.54
CA GLU B 92 15.34 14.80 8.60
C GLU B 92 16.70 14.82 7.86
N THR B 93 17.79 14.65 8.62
CA THR B 93 19.13 14.67 8.00
C THR B 93 19.28 13.53 6.99
N LEU B 94 18.84 12.34 7.41
CA LEU B 94 18.89 11.18 6.49
C LEU B 94 18.10 11.50 5.22
N ALA B 95 16.87 11.99 5.38
CA ALA B 95 15.98 12.22 4.23
C ALA B 95 16.49 13.30 3.28
N LEU B 96 16.94 14.43 3.85
CA LEU B 96 17.58 15.45 3.02
C LEU B 96 18.83 14.92 2.30
N SER B 97 19.62 14.14 3.00
CA SER B 97 20.77 13.57 2.35
C SER B 97 20.45 12.65 1.16
N CYS B 98 19.31 11.98 1.21
CA CYS B 98 18.94 11.07 0.15
C CYS B 98 18.25 11.82 -0.96
N GLY B 99 18.24 13.14 -0.88
CA GLY B 99 17.67 13.94 -1.95
C GLY B 99 16.19 14.21 -1.81
N LEU B 100 15.61 13.98 -0.64
CA LEU B 100 14.18 14.24 -0.43
C LEU B 100 13.88 15.70 -0.04
N ASN B 101 12.75 16.25 -0.48
CA ASN B 101 12.38 17.63 -0.12
C ASN B 101 11.57 17.74 1.23
N VAL B 102 12.30 17.69 2.35
CA VAL B 102 11.71 17.84 3.66
C VAL B 102 11.44 19.31 3.92
N ILE B 103 10.18 19.69 4.05
CA ILE B 103 9.81 21.11 4.17
C ILE B 103 9.55 21.54 5.64
N ASN B 104 9.43 20.57 6.55
CA ASN B 104 9.29 20.89 7.94
C ASN B 104 9.22 19.63 8.72
N THR B 105 9.44 19.72 10.04
CA THR B 105 9.24 18.66 10.98
C THR B 105 8.48 19.16 12.22
N PHE B 106 7.81 18.25 12.91
CA PHE B 106 7.03 18.59 14.09
C PHE B 106 7.23 17.54 15.14
N THR B 107 7.50 17.98 16.37
CA THR B 107 7.61 17.06 17.49
C THR B 107 6.24 16.70 17.97
N LYS B 108 6.14 15.48 18.49
CA LYS B 108 4.94 15.07 19.16
C LYS B 108 5.15 15.25 20.68
N PRO B 109 4.05 15.47 21.43
CA PRO B 109 2.74 15.66 20.81
C PRO B 109 2.67 17.00 20.11
N ILE B 110 1.82 16.99 19.11
CA ILE B 110 1.80 18.00 18.11
C ILE B 110 1.24 19.33 18.65
N ASN B 111 1.88 20.44 18.31
CA ASN B 111 1.30 21.77 18.58
C ASN B 111 0.36 22.09 17.42
N THR B 112 -0.93 21.96 17.65
CA THR B 112 -1.87 22.05 16.54
C THR B 112 -1.95 23.47 16.01
N GLU B 113 -1.75 24.46 16.90
CA GLU B 113 -1.68 25.85 16.46
C GLU B 113 -0.56 26.03 15.42
N VAL B 114 0.65 25.60 15.75
CA VAL B 114 1.78 25.76 14.79
C VAL B 114 1.51 25.01 13.48
N LEU B 115 0.95 23.80 13.55
CA LEU B 115 0.70 23.01 12.35
C LEU B 115 -0.36 23.69 11.45
N THR B 116 -1.40 24.19 12.07
CA THR B 116 -2.49 24.89 11.34
C THR B 116 -1.95 26.13 10.64
N CYS B 117 -1.16 26.88 11.40
CA CYS B 117 -0.50 28.07 10.89
C CYS B 117 0.46 27.74 9.68
N PHE B 118 1.32 26.73 9.85
CA PHE B 118 2.18 26.28 8.75
C PHE B 118 1.42 25.82 7.48
N LEU B 119 0.43 24.95 7.64
CA LEU B 119 -0.30 24.49 6.47
C LEU B 119 -1.07 25.64 5.81
N THR B 120 -1.59 26.56 6.60
CA THR B 120 -2.17 27.78 6.03
C THR B 120 -1.17 28.53 5.16
N SER B 121 0.03 28.84 5.66
CA SER B 121 0.98 29.54 4.76
C SER B 121 1.34 28.67 3.54
N LEU B 122 1.42 27.35 3.74
CA LEU B 122 1.82 26.44 2.68
C LEU B 122 0.80 26.53 1.54
N SER B 123 -0.47 26.54 1.93
CA SER B 123 -1.59 26.67 1.01
C SER B 123 -1.53 28.01 0.25
N ASN B 124 -1.34 29.09 0.99
CA ASN B 124 -1.28 30.42 0.39
C ASN B 124 -0.10 30.61 -0.56
N ARG B 125 0.98 29.87 -0.40
CA ARG B 125 2.06 29.99 -1.36
C ARG B 125 2.05 28.96 -2.51
N GLN B 126 0.88 28.36 -2.74
CA GLN B 126 0.67 27.42 -3.85
C GLN B 126 0.28 28.17 -5.15
#